data_5VD4
#
_entry.id   5VD4
#
_cell.length_a   50.310
_cell.length_b   43.780
_cell.length_c   64.860
_cell.angle_alpha   90.000
_cell.angle_beta   103.040
_cell.angle_gamma   90.000
#
_symmetry.space_group_name_H-M   'P 1 21 1'
#
loop_
_entity.id
_entity.type
_entity.pdbx_description
1 polymer 'Wee1-like protein kinase'
2 non-polymer 6-{[4-(4-methylpiperazin-1-yl)phenyl]amino}-2-(prop-2-en-1-yl)-1-{6-[(1S)-2,2,2-trifluoro-1-hydroxyethyl]pyridin-2-yl}-1,2-dihydro-3H-pyrazolo[3,4-d]pyrimidin-3-one
3 non-polymer 'PHOSPHATE ION'
4 non-polymer 1,2-ETHANEDIOL
5 non-polymer 'CHLORIDE ION'
6 water water
#
_entity_poly.entity_id   1
_entity_poly.type   'polypeptide(L)'
_entity_poly.pdbx_seq_one_letter_code
;GAGSMKSRYTTEFHELEKIGSGEFGSVFKCVKRLDGCIYAIKRSKKPLAGSVDEQNALREVYAHAVLGQHSHVVRYFSAW
AEDDHMLIQNEYCNGGSLADAISENYRIMSYFKEAELKDLLLQVGRGLRYIHSMSLVHMDIKPSNIFISRTSIPNAASEE
GDEDDWASNKVMFKIGDLGHVTRISSPQVEEGDSRFLANEVLQENYTHLPKADIFALALTVVCAAGAEPLPRNGDQWHEI
RQGRLPRIPQVLSQEFTELLKVMIHPDPERRPSAMALVKHSVLLSASRK
;
_entity_poly.pdbx_strand_id   A
#
# COMPACT_ATOMS: atom_id res chain seq x y z
N SER A 7 4.86 31.55 -2.68
CA SER A 7 4.69 30.23 -2.09
C SER A 7 5.87 29.34 -2.45
N ARG A 8 6.32 28.53 -1.50
CA ARG A 8 7.42 27.59 -1.74
C ARG A 8 7.04 26.60 -2.83
N TYR A 9 5.77 26.22 -2.84
CA TYR A 9 5.24 25.30 -3.85
C TYR A 9 5.50 25.82 -5.26
N THR A 10 4.96 27.00 -5.56
CA THR A 10 5.17 27.63 -6.86
C THR A 10 6.65 27.91 -7.09
N THR A 11 7.34 28.37 -6.05
CA THR A 11 8.74 28.79 -6.17
C THR A 11 9.66 27.63 -6.53
N GLU A 12 9.48 26.49 -5.87
CA GLU A 12 10.39 25.36 -6.05
C GLU A 12 9.95 24.38 -7.13
N PHE A 13 8.67 24.44 -7.51
CA PHE A 13 8.10 23.47 -8.43
C PHE A 13 7.21 24.08 -9.51
N HIS A 14 7.15 23.40 -10.64
CA HIS A 14 6.18 23.71 -11.70
C HIS A 14 5.22 22.54 -11.88
N GLU A 15 3.92 22.82 -11.77
CA GLU A 15 2.90 21.80 -11.96
C GLU A 15 2.82 21.34 -13.41
N LEU A 16 2.69 20.03 -13.60
CA LEU A 16 2.57 19.43 -14.92
C LEU A 16 1.20 18.80 -15.15
N GLU A 17 0.71 18.11 -14.13
CA GLU A 17 -0.47 17.28 -14.29
C GLU A 17 -1.05 16.91 -12.93
N LYS A 18 -2.37 17.01 -12.80
CA LYS A 18 -3.06 16.48 -11.62
C LYS A 18 -3.18 14.98 -11.83
N ILE A 19 -2.63 14.21 -10.90
CA ILE A 19 -2.62 12.75 -11.03
C ILE A 19 -3.47 12.06 -9.96
N GLY A 20 -3.93 12.83 -8.98
CA GLY A 20 -4.83 12.31 -7.96
C GLY A 20 -5.64 13.39 -7.28
N SER A 21 -6.75 12.99 -6.67
CA SER A 21 -7.61 13.92 -5.96
C SER A 21 -8.49 13.20 -4.94
N GLY A 22 -8.97 13.96 -3.96
CA GLY A 22 -9.88 13.45 -2.95
C GLY A 22 -10.44 14.61 -2.17
N GLU A 23 -11.12 14.32 -1.06
CA GLU A 23 -11.65 15.37 -0.20
C GLU A 23 -10.50 16.19 0.39
N PHE A 24 -9.38 15.53 0.64
CA PHE A 24 -8.20 16.17 1.22
C PHE A 24 -7.67 17.31 0.36
N GLY A 25 -7.69 17.09 -0.95
CA GLY A 25 -7.06 18.01 -1.88
C GLY A 25 -6.66 17.28 -3.15
N SER A 26 -5.41 17.46 -3.59
CA SER A 26 -4.94 16.89 -4.84
C SER A 26 -3.49 16.40 -4.77
N VAL A 27 -3.12 15.56 -5.73
CA VAL A 27 -1.73 15.16 -5.96
C VAL A 27 -1.31 15.62 -7.35
N PHE A 28 -0.15 16.27 -7.44
CA PHE A 28 0.36 16.78 -8.71
C PHE A 28 1.69 16.17 -9.11
N LYS A 29 1.81 15.85 -10.39
CA LYS A 29 3.10 15.58 -11.01
C LYS A 29 3.78 16.93 -11.24
N CYS A 30 4.93 17.12 -10.64
CA CYS A 30 5.67 18.36 -10.74
C CYS A 30 7.16 18.16 -11.04
N VAL A 31 7.77 19.17 -11.60
CA VAL A 31 9.18 19.15 -11.83
C VAL A 31 9.73 20.19 -10.89
N LYS A 32 10.79 19.82 -10.19
CA LYS A 32 11.45 20.69 -9.27
C LYS A 32 12.42 21.55 -10.08
N ARG A 33 12.26 22.85 -10.01
CA ARG A 33 13.03 23.76 -10.86
C ARG A 33 14.53 23.60 -10.68
N LEU A 34 14.97 23.30 -9.46
CA LEU A 34 16.39 23.28 -9.15
C LEU A 34 17.13 22.03 -9.65
N ASP A 35 16.44 20.88 -9.72
CA ASP A 35 17.10 19.64 -10.13
C ASP A 35 16.50 19.02 -11.40
N GLY A 36 15.37 19.55 -11.85
CA GLY A 36 14.75 19.07 -13.08
C GLY A 36 14.13 17.68 -12.95
N CYS A 37 14.00 17.20 -11.72
CA CYS A 37 13.42 15.87 -11.48
C CYS A 37 11.92 15.94 -11.26
N ILE A 38 11.25 14.81 -11.50
CA ILE A 38 9.81 14.72 -11.33
C ILE A 38 9.47 14.20 -9.95
N TYR A 39 8.51 14.85 -9.30
CA TYR A 39 8.02 14.43 -8.00
C TYR A 39 6.50 14.39 -7.98
N ALA A 40 5.95 13.52 -7.13
CA ALA A 40 4.53 13.51 -6.86
C ALA A 40 4.29 14.32 -5.59
N ILE A 41 3.57 15.44 -5.73
CA ILE A 41 3.33 16.33 -4.60
C ILE A 41 1.85 16.34 -4.26
N LYS A 42 1.56 15.92 -3.04
CA LYS A 42 0.21 15.96 -2.51
C LYS A 42 0.00 17.26 -1.75
N ARG A 43 -1.08 17.96 -2.12
CA ARG A 43 -1.39 19.25 -1.54
C ARG A 43 -2.80 19.18 -0.96
N SER A 44 -2.90 19.35 0.35
CA SER A 44 -4.17 19.17 1.03
C SER A 44 -4.45 20.32 1.98
N LYS A 45 -5.73 20.58 2.21
CA LYS A 45 -6.14 21.57 3.17
C LYS A 45 -5.69 21.15 4.56
N LYS A 46 -5.21 22.10 5.34
CA LYS A 46 -4.71 21.81 6.68
C LYS A 46 -5.82 21.21 7.54
N PRO A 47 -5.62 19.99 8.05
CA PRO A 47 -6.68 19.38 8.86
C PRO A 47 -6.90 20.09 10.18
N LEU A 48 -8.09 19.91 10.75
CA LEU A 48 -8.40 20.44 12.06
C LEU A 48 -7.39 19.93 13.09
N ALA A 49 -6.80 20.85 13.85
CA ALA A 49 -5.74 20.49 14.78
C ALA A 49 -6.24 19.54 15.86
N GLY A 50 -5.64 18.35 15.90
CA GLY A 50 -6.01 17.31 16.84
C GLY A 50 -6.80 16.20 16.20
N SER A 51 -7.54 16.55 15.15
CA SER A 51 -8.47 15.63 14.47
C SER A 51 -7.78 14.39 13.90
N VAL A 52 -8.63 13.46 13.44
CA VAL A 52 -8.17 12.22 12.81
C VAL A 52 -7.27 12.48 11.62
N ASP A 53 -7.59 13.49 10.82
CA ASP A 53 -6.81 13.79 9.64
C ASP A 53 -5.44 14.35 10.02
N GLU A 54 -5.39 15.11 11.11
CA GLU A 54 -4.11 15.59 11.62
C GLU A 54 -3.26 14.42 12.11
N GLN A 55 -3.91 13.37 12.59
CA GLN A 55 -3.20 12.15 12.95
C GLN A 55 -2.65 11.49 11.69
N ASN A 56 -3.51 11.36 10.68
CA ASN A 56 -3.11 10.80 9.39
C ASN A 56 -1.91 11.51 8.79
N ALA A 57 -2.00 12.83 8.70
CA ALA A 57 -0.92 13.64 8.17
C ALA A 57 0.36 13.46 8.98
N LEU A 58 0.21 13.36 10.30
CA LEU A 58 1.35 13.20 11.20
C LEU A 58 1.97 11.81 11.08
N ARG A 59 1.14 10.79 10.97
CA ARG A 59 1.62 9.43 10.80
C ARG A 59 2.53 9.34 9.58
N GLU A 60 2.15 10.04 8.53
CA GLU A 60 2.85 9.97 7.26
C GLU A 60 4.28 10.53 7.36
N VAL A 61 4.43 11.66 8.04
CA VAL A 61 5.75 12.27 8.20
C VAL A 61 6.61 11.53 9.24
N TYR A 62 6.01 11.20 10.37
CA TYR A 62 6.74 10.50 11.43
C TYR A 62 7.06 9.07 11.01
N ALA A 63 6.40 8.60 9.95
CA ALA A 63 6.73 7.30 9.38
C ALA A 63 8.08 7.38 8.69
N HIS A 64 8.29 8.44 7.92
CA HIS A 64 9.56 8.65 7.25
C HIS A 64 10.67 8.91 8.26
N ALA A 65 10.33 9.61 9.34
CA ALA A 65 11.28 9.91 10.40
C ALA A 65 11.96 8.64 10.89
N VAL A 66 11.25 7.52 10.79
CA VAL A 66 11.75 6.22 11.21
C VAL A 66 12.25 5.42 10.02
N LEU A 67 11.59 5.57 8.87
CA LEU A 67 11.85 4.69 7.72
C LEU A 67 13.02 5.15 6.86
N GLY A 68 12.92 6.36 6.31
CA GLY A 68 14.00 6.90 5.49
C GLY A 68 13.89 6.49 4.03
N GLN A 69 14.77 5.60 3.62
CA GLN A 69 14.80 5.19 2.25
C GLN A 69 14.86 3.71 2.07
N HIS A 70 14.09 3.21 1.12
CA HIS A 70 14.03 1.78 0.81
C HIS A 70 13.46 1.55 -0.57
N SER A 71 14.01 0.57 -1.28
CA SER A 71 13.69 0.34 -2.69
C SER A 71 12.23 0.03 -2.96
N HIS A 72 11.50 -0.40 -1.93
CA HIS A 72 10.11 -0.83 -2.09
C HIS A 72 9.17 -0.06 -1.17
N VAL A 73 9.60 1.15 -0.81
CA VAL A 73 8.74 2.11 -0.16
C VAL A 73 8.87 3.41 -0.94
N VAL A 74 7.75 4.05 -1.23
CA VAL A 74 7.77 5.33 -1.94
C VAL A 74 8.56 6.32 -1.11
N ARG A 75 9.54 6.96 -1.74
CA ARG A 75 10.44 7.83 -1.00
C ARG A 75 9.84 9.20 -0.74
N TYR A 76 10.09 9.69 0.47
CA TYR A 76 9.69 11.03 0.89
C TYR A 76 10.90 11.94 0.79
N PHE A 77 10.70 13.17 0.35
CA PHE A 77 11.80 14.13 0.20
C PHE A 77 11.62 15.31 1.15
N SER A 78 10.42 15.84 1.22
CA SER A 78 10.13 16.89 2.19
C SER A 78 8.63 17.06 2.39
N ALA A 79 8.28 17.78 3.45
CA ALA A 79 6.90 18.10 3.74
C ALA A 79 6.88 19.47 4.40
N TRP A 80 5.85 20.25 4.09
CA TRP A 80 5.73 21.57 4.69
C TRP A 80 4.30 22.06 4.64
N ALA A 81 4.04 23.12 5.39
CA ALA A 81 2.72 23.71 5.42
C ALA A 81 2.82 25.20 5.13
N GLU A 82 1.89 25.68 4.32
CA GLU A 82 1.80 27.10 4.01
C GLU A 82 0.40 27.39 3.49
N ASP A 83 -0.11 28.58 3.82
CA ASP A 83 -1.38 29.02 3.28
C ASP A 83 -2.51 28.03 3.62
N ASP A 84 -2.53 27.57 4.85
CA ASP A 84 -3.55 26.66 5.31
C ASP A 84 -3.61 25.33 4.58
N HIS A 85 -2.51 24.93 3.99
CA HIS A 85 -2.40 23.66 3.34
C HIS A 85 -1.14 22.98 3.77
N MET A 86 -1.12 21.70 3.61
CA MET A 86 0.06 20.94 3.85
C MET A 86 0.48 20.31 2.55
N LEU A 87 1.75 20.21 2.38
CA LEU A 87 2.32 19.62 1.22
C LEU A 87 3.33 18.52 1.53
N ILE A 88 3.30 17.46 0.78
CA ILE A 88 4.31 16.41 0.90
C ILE A 88 4.87 16.06 -0.46
N GLN A 89 6.20 16.10 -0.55
CA GLN A 89 6.92 15.85 -1.79
C GLN A 89 7.47 14.44 -1.80
N ASN A 90 6.91 13.60 -2.66
CA ASN A 90 7.35 12.22 -2.78
C ASN A 90 7.93 11.89 -4.15
N GLU A 91 8.67 10.78 -4.18
CA GLU A 91 9.09 10.12 -5.40
C GLU A 91 7.94 10.03 -6.40
N TYR A 92 8.22 10.24 -7.67
CA TYR A 92 7.24 10.01 -8.73
C TYR A 92 7.47 8.65 -9.37
N CYS A 93 6.49 7.77 -9.20
CA CYS A 93 6.51 6.44 -9.81
C CYS A 93 5.70 6.50 -11.10
N ASN A 94 6.40 6.42 -12.24
CA ASN A 94 5.81 6.71 -13.54
C ASN A 94 4.73 5.72 -14.00
N GLY A 95 4.64 4.59 -13.32
CA GLY A 95 3.67 3.56 -13.68
C GLY A 95 2.38 3.63 -12.89
N GLY A 96 2.22 4.67 -12.06
CA GLY A 96 1.02 4.84 -11.28
C GLY A 96 0.91 3.81 -10.17
N SER A 97 -0.32 3.56 -9.73
CA SER A 97 -0.58 2.58 -8.69
C SER A 97 -0.99 1.25 -9.30
N LEU A 98 -0.90 0.17 -8.52
CA LEU A 98 -1.33 -1.15 -8.97
C LEU A 98 -2.80 -1.13 -9.34
N ALA A 99 -3.56 -0.20 -8.75
CA ALA A 99 -4.98 -0.05 -9.07
C ALA A 99 -5.14 0.47 -10.49
N ASP A 100 -4.29 1.41 -10.88
CA ASP A 100 -4.30 1.93 -12.24
C ASP A 100 -3.92 0.82 -13.21
N ALA A 101 -2.86 0.09 -12.88
CA ALA A 101 -2.38 -1.01 -13.71
C ALA A 101 -3.43 -2.10 -13.87
N ILE A 102 -4.22 -2.35 -12.82
CA ILE A 102 -5.29 -3.33 -12.89
C ILE A 102 -6.46 -2.77 -13.69
N SER A 103 -6.80 -1.51 -13.45
CA SER A 103 -7.88 -0.86 -14.17
C SER A 103 -7.56 -0.77 -15.66
N GLU A 104 -6.27 -0.68 -15.96
CA GLU A 104 -5.81 -0.62 -17.34
C GLU A 104 -5.75 -2.01 -17.95
N ASN A 105 -5.57 -3.03 -17.11
CA ASN A 105 -5.63 -4.41 -17.57
C ASN A 105 -7.06 -4.79 -17.98
N TYR A 106 -8.03 -4.27 -17.24
CA TYR A 106 -9.44 -4.59 -17.49
C TYR A 106 -9.99 -3.82 -18.69
N ARG A 107 -9.72 -2.51 -18.74
CA ARG A 107 -10.18 -1.68 -19.86
C ARG A 107 -9.67 -2.20 -21.19
N ILE A 108 -8.55 -2.90 -21.15
CA ILE A 108 -7.80 -3.21 -22.36
C ILE A 108 -7.62 -4.72 -22.53
N MET A 109 -8.22 -5.49 -21.63
CA MET A 109 -8.25 -6.95 -21.75
C MET A 109 -6.96 -7.72 -21.45
N SER A 110 -6.35 -7.39 -20.32
CA SER A 110 -5.11 -8.03 -19.90
C SER A 110 -5.13 -8.58 -18.48
N TYR A 111 -3.98 -9.05 -18.01
CA TYR A 111 -3.89 -9.68 -16.69
C TYR A 111 -2.45 -9.65 -16.18
N PHE A 112 -2.20 -10.37 -15.09
CA PHE A 112 -0.85 -10.59 -14.59
C PHE A 112 -0.54 -12.09 -14.59
N LYS A 113 0.56 -12.46 -15.23
CA LYS A 113 1.02 -13.85 -15.24
C LYS A 113 1.36 -14.27 -13.82
N GLU A 114 1.46 -15.58 -13.59
CA GLU A 114 1.86 -16.07 -12.27
C GLU A 114 3.24 -15.55 -11.91
N ALA A 115 4.12 -15.48 -12.89
CA ALA A 115 5.47 -14.97 -12.70
C ALA A 115 5.43 -13.54 -12.15
N GLU A 116 4.50 -12.76 -12.69
CA GLU A 116 4.37 -11.36 -12.32
C GLU A 116 3.67 -11.19 -10.97
N LEU A 117 2.73 -12.07 -10.67
CA LEU A 117 2.05 -12.04 -9.38
C LEU A 117 3.03 -12.37 -8.25
N LYS A 118 3.91 -13.34 -8.49
CA LYS A 118 4.95 -13.69 -7.52
C LYS A 118 5.90 -12.52 -7.30
N ASP A 119 6.23 -11.82 -8.38
CA ASP A 119 7.14 -10.69 -8.33
C ASP A 119 6.51 -9.58 -7.48
N LEU A 120 5.24 -9.32 -7.74
CA LEU A 120 4.48 -8.34 -6.97
C LEU A 120 4.49 -8.70 -5.50
N LEU A 121 4.23 -9.98 -5.22
CA LEU A 121 4.12 -10.45 -3.84
C LEU A 121 5.46 -10.35 -3.10
N LEU A 122 6.53 -10.77 -3.76
CA LEU A 122 7.86 -10.73 -3.16
C LEU A 122 8.31 -9.29 -2.91
N GLN A 123 8.09 -8.41 -3.89
CA GLN A 123 8.57 -7.04 -3.79
C GLN A 123 7.87 -6.25 -2.69
N VAL A 124 6.55 -6.30 -2.67
CA VAL A 124 5.80 -5.63 -1.60
C VAL A 124 6.15 -6.33 -0.28
N GLY A 125 6.38 -7.64 -0.35
CA GLY A 125 6.83 -8.39 0.81
C GLY A 125 8.11 -7.83 1.39
N ARG A 126 9.04 -7.46 0.52
CA ARG A 126 10.31 -6.89 0.95
C ARG A 126 10.09 -5.52 1.59
N GLY A 127 9.12 -4.77 1.08
CA GLY A 127 8.78 -3.49 1.65
C GLY A 127 8.19 -3.68 3.05
N LEU A 128 7.30 -4.64 3.19
CA LEU A 128 6.70 -4.95 4.48
C LEU A 128 7.75 -5.46 5.47
N ARG A 129 8.65 -6.30 5.02
CA ARG A 129 9.74 -6.83 5.83
C ARG A 129 10.47 -5.69 6.46
N TYR A 130 10.82 -4.71 5.65
CA TYR A 130 11.52 -3.53 6.14
C TYR A 130 10.70 -2.76 7.16
N ILE A 131 9.46 -2.43 6.80
CA ILE A 131 8.60 -1.62 7.64
C ILE A 131 8.38 -2.28 9.00
N HIS A 132 8.15 -3.58 8.98
CA HIS A 132 7.93 -4.33 10.21
C HIS A 132 9.20 -4.39 11.05
N SER A 133 10.35 -4.52 10.38
CA SER A 133 11.62 -4.57 11.08
C SER A 133 11.87 -3.26 11.85
N MET A 134 11.26 -2.18 11.37
CA MET A 134 11.35 -0.89 12.04
C MET A 134 10.22 -0.72 13.06
N SER A 135 9.61 -1.83 13.43
CA SER A 135 8.60 -1.86 14.47
C SER A 135 7.37 -1.04 14.08
N LEU A 136 7.10 -0.97 12.78
CA LEU A 136 5.92 -0.28 12.27
C LEU A 136 5.04 -1.23 11.47
N VAL A 137 3.80 -0.80 11.21
CA VAL A 137 2.88 -1.52 10.34
C VAL A 137 2.18 -0.52 9.44
N HIS A 138 1.88 -0.90 8.20
CA HIS A 138 1.32 0.02 7.21
C HIS A 138 -0.20 0.24 7.40
N MET A 139 -0.92 -0.86 7.58
CA MET A 139 -2.34 -0.85 7.97
C MET A 139 -3.31 -0.35 6.90
N ASP A 140 -2.82 -0.12 5.68
CA ASP A 140 -3.71 0.21 4.57
C ASP A 140 -3.18 -0.34 3.25
N ILE A 141 -2.70 -1.57 3.27
CA ILE A 141 -2.22 -2.20 2.05
C ILE A 141 -3.40 -2.52 1.14
N LYS A 142 -3.29 -2.07 -0.10
CA LYS A 142 -4.27 -2.33 -1.13
C LYS A 142 -3.67 -1.83 -2.44
N PRO A 143 -4.18 -2.31 -3.57
CA PRO A 143 -3.56 -1.98 -4.87
C PRO A 143 -3.37 -0.48 -5.12
N SER A 144 -4.26 0.36 -4.59
CA SER A 144 -4.17 1.79 -4.85
C SER A 144 -3.05 2.46 -4.03
N ASN A 145 -2.50 1.72 -3.07
CA ASN A 145 -1.39 2.22 -2.25
C ASN A 145 -0.08 1.53 -2.56
N ILE A 146 -0.07 0.73 -3.62
CA ILE A 146 1.14 0.15 -4.18
C ILE A 146 1.47 0.88 -5.49
N PHE A 147 2.64 1.51 -5.56
CA PHE A 147 3.02 2.28 -6.73
C PHE A 147 4.09 1.59 -7.55
N ILE A 148 4.15 1.93 -8.83
CA ILE A 148 4.94 1.20 -9.81
C ILE A 148 5.92 2.11 -10.54
N SER A 149 7.20 1.76 -10.50
CA SER A 149 8.24 2.45 -11.27
C SER A 149 8.73 1.54 -12.40
N ARG A 150 8.77 2.07 -13.62
CA ARG A 150 9.19 1.32 -14.79
C ARG A 150 10.53 1.79 -15.33
N THR A 151 11.50 0.89 -15.36
CA THR A 151 12.87 1.19 -15.78
C THR A 151 13.39 2.47 -15.12
N LYS A 170 11.70 -4.97 -15.47
CA LYS A 170 11.87 -3.54 -15.53
C LYS A 170 10.92 -2.84 -14.62
N VAL A 171 10.30 -3.55 -13.69
CA VAL A 171 9.35 -2.91 -12.77
C VAL A 171 9.65 -3.03 -11.27
N MET A 172 9.44 -1.94 -10.57
CA MET A 172 9.62 -1.88 -9.12
C MET A 172 8.30 -1.50 -8.44
N PHE A 173 7.87 -2.33 -7.49
CA PHE A 173 6.69 -2.04 -6.69
C PHE A 173 7.10 -1.39 -5.38
N LYS A 174 6.41 -0.32 -5.02
CA LYS A 174 6.77 0.47 -3.85
C LYS A 174 5.55 0.80 -3.02
N ILE A 175 5.64 0.57 -1.71
CA ILE A 175 4.57 0.86 -0.79
C ILE A 175 4.52 2.35 -0.49
N GLY A 176 3.34 2.95 -0.68
CA GLY A 176 3.14 4.36 -0.41
C GLY A 176 1.91 4.63 0.42
N ASP A 177 1.53 5.90 0.50
CA ASP A 177 0.39 6.35 1.30
C ASP A 177 0.50 5.81 2.72
N LEU A 178 1.43 6.36 3.46
CA LEU A 178 1.77 5.88 4.80
C LEU A 178 0.89 6.54 5.88
N GLY A 179 -0.27 7.03 5.48
CA GLY A 179 -1.15 7.76 6.38
C GLY A 179 -1.76 6.93 7.51
N HIS A 180 -1.65 5.61 7.41
CA HIS A 180 -2.18 4.72 8.44
C HIS A 180 -1.08 4.01 9.21
N VAL A 181 0.18 4.33 8.90
CA VAL A 181 1.29 3.64 9.54
C VAL A 181 1.25 3.88 11.04
N THR A 182 1.44 2.83 11.82
CA THR A 182 1.46 2.95 13.27
C THR A 182 2.35 1.89 13.89
N ARG A 183 2.51 1.97 15.21
CA ARG A 183 3.47 1.12 15.91
C ARG A 183 2.95 -0.29 16.14
N ILE A 184 3.87 -1.25 16.11
CA ILE A 184 3.55 -2.64 16.43
C ILE A 184 3.14 -2.78 17.89
N SER A 185 3.91 -2.17 18.79
CA SER A 185 3.73 -2.38 20.23
C SER A 185 3.02 -1.23 20.96
N SER A 186 2.51 -0.25 20.20
CA SER A 186 1.70 0.82 20.78
C SER A 186 0.82 1.44 19.70
N PRO A 187 -0.07 0.63 19.11
CA PRO A 187 -0.83 0.99 17.90
C PRO A 187 -2.01 1.95 18.10
N GLN A 188 -1.92 3.10 17.44
CA GLN A 188 -3.07 3.95 17.17
C GLN A 188 -3.73 3.52 15.85
N VAL A 189 -4.80 2.74 15.92
CA VAL A 189 -5.41 2.14 14.73
C VAL A 189 -6.61 2.92 14.19
N GLU A 190 -6.39 3.58 13.05
CA GLU A 190 -7.49 4.03 12.21
C GLU A 190 -7.64 2.94 11.15
N GLU A 191 -8.79 2.27 11.16
CA GLU A 191 -8.94 1.01 10.44
C GLU A 191 -9.01 1.21 8.92
N GLY A 192 -8.25 0.39 8.20
CA GLY A 192 -8.12 0.51 6.76
C GLY A 192 -9.34 0.08 5.98
N ASP A 193 -9.21 0.10 4.67
CA ASP A 193 -10.25 -0.31 3.73
C ASP A 193 -10.90 -1.64 4.13
N SER A 194 -12.22 -1.63 4.28
CA SER A 194 -12.96 -2.79 4.76
C SER A 194 -12.74 -4.03 3.89
N ARG A 195 -12.50 -3.80 2.60
CA ARG A 195 -12.32 -4.89 1.65
C ARG A 195 -11.05 -5.71 1.91
N PHE A 196 -10.06 -5.07 2.52
CA PHE A 196 -8.75 -5.70 2.73
C PHE A 196 -8.42 -5.92 4.21
N LEU A 197 -9.41 -5.70 5.06
CA LEU A 197 -9.20 -5.70 6.50
C LEU A 197 -9.37 -7.08 7.12
N ALA A 198 -8.38 -7.50 7.89
CA ALA A 198 -8.45 -8.79 8.59
C ALA A 198 -9.47 -8.71 9.72
N ASN A 199 -10.08 -9.84 10.03
CA ASN A 199 -11.16 -9.87 11.01
C ASN A 199 -10.70 -9.49 12.42
N GLU A 200 -9.50 -9.93 12.79
CA GLU A 200 -9.00 -9.69 14.14
C GLU A 200 -8.86 -8.19 14.41
N VAL A 201 -8.51 -7.42 13.39
CA VAL A 201 -8.38 -5.98 13.54
C VAL A 201 -9.76 -5.37 13.79
N LEU A 202 -10.75 -5.83 13.02
CA LEU A 202 -12.12 -5.39 13.21
C LEU A 202 -12.59 -5.73 14.62
N GLN A 203 -12.05 -6.82 15.16
CA GLN A 203 -12.40 -7.28 16.50
C GLN A 203 -11.59 -6.55 17.57
N GLU A 204 -10.88 -5.50 17.15
CA GLU A 204 -10.11 -4.66 18.06
C GLU A 204 -9.00 -5.45 18.73
N ASN A 205 -8.56 -6.50 18.05
CA ASN A 205 -7.36 -7.24 18.45
C ASN A 205 -6.16 -6.72 17.65
N TYR A 206 -5.31 -5.94 18.32
CA TYR A 206 -4.17 -5.28 17.66
C TYR A 206 -2.83 -5.87 18.07
N THR A 207 -2.83 -7.15 18.45
CA THR A 207 -1.62 -7.76 19.00
C THR A 207 -0.71 -8.40 17.94
N HIS A 208 -1.22 -8.54 16.72
CA HIS A 208 -0.45 -9.12 15.62
C HIS A 208 -0.67 -8.33 14.33
N LEU A 209 -0.49 -7.02 14.42
CA LEU A 209 -0.79 -6.13 13.30
C LEU A 209 0.04 -6.40 12.04
N PRO A 210 1.31 -6.81 12.20
CA PRO A 210 2.07 -7.16 10.99
C PRO A 210 1.38 -8.21 10.13
N LYS A 211 0.59 -9.08 10.77
CA LYS A 211 -0.11 -10.14 10.06
C LYS A 211 -1.38 -9.63 9.36
N ALA A 212 -1.81 -8.43 9.73
CA ALA A 212 -2.91 -7.78 9.02
C ALA A 212 -2.41 -7.22 7.69
N ASP A 213 -1.18 -6.72 7.68
CA ASP A 213 -0.55 -6.29 6.43
C ASP A 213 -0.39 -7.47 5.49
N ILE A 214 -0.04 -8.62 6.06
CA ILE A 214 0.15 -9.85 5.29
C ILE A 214 -1.17 -10.31 4.67
N PHE A 215 -2.23 -10.24 5.46
CA PHE A 215 -3.58 -10.58 5.00
C PHE A 215 -4.01 -9.67 3.85
N ALA A 216 -3.80 -8.36 4.03
CA ALA A 216 -4.21 -7.39 3.03
C ALA A 216 -3.39 -7.54 1.74
N LEU A 217 -2.13 -7.94 1.90
CA LEU A 217 -1.26 -8.14 0.75
C LEU A 217 -1.77 -9.32 -0.08
N ALA A 218 -2.20 -10.37 0.59
CA ALA A 218 -2.74 -11.55 -0.09
C ALA A 218 -3.91 -11.17 -1.00
N LEU A 219 -4.82 -10.34 -0.48
CA LEU A 219 -5.99 -9.93 -1.23
C LEU A 219 -5.61 -8.91 -2.29
N THR A 220 -4.52 -8.19 -2.07
CA THR A 220 -3.99 -7.26 -3.07
C THR A 220 -3.52 -8.04 -4.29
N VAL A 221 -2.82 -9.14 -4.05
CA VAL A 221 -2.33 -10.00 -5.12
C VAL A 221 -3.51 -10.71 -5.80
N VAL A 222 -4.53 -11.05 -5.01
CA VAL A 222 -5.72 -11.71 -5.56
C VAL A 222 -6.41 -10.76 -6.53
N CYS A 223 -6.51 -9.49 -6.17
CA CYS A 223 -7.08 -8.49 -7.06
C CYS A 223 -6.28 -8.40 -8.35
N ALA A 224 -4.95 -8.39 -8.22
CA ALA A 224 -4.06 -8.33 -9.36
C ALA A 224 -4.24 -9.55 -10.26
N ALA A 225 -4.58 -10.68 -9.66
CA ALA A 225 -4.72 -11.94 -10.39
C ALA A 225 -6.01 -12.00 -11.19
N GLY A 226 -6.92 -11.06 -10.94
CA GLY A 226 -8.14 -10.94 -11.72
C GLY A 226 -9.41 -11.39 -11.02
N ALA A 227 -9.36 -11.51 -9.70
CA ALA A 227 -10.57 -11.86 -8.94
C ALA A 227 -11.64 -10.80 -9.16
N GLU A 228 -12.90 -11.19 -8.98
CA GLU A 228 -13.97 -10.21 -9.06
C GLU A 228 -13.84 -9.28 -7.86
N PRO A 229 -14.35 -8.05 -7.98
CA PRO A 229 -14.26 -7.03 -6.93
C PRO A 229 -14.53 -7.57 -5.53
N LEU A 230 -13.64 -7.27 -4.59
CA LEU A 230 -13.76 -7.77 -3.22
C LEU A 230 -14.99 -7.18 -2.53
N PRO A 231 -15.65 -7.97 -1.67
CA PRO A 231 -16.81 -7.46 -0.93
C PRO A 231 -16.41 -6.54 0.22
N ARG A 232 -17.29 -5.59 0.55
CA ARG A 232 -17.07 -4.70 1.67
C ARG A 232 -17.76 -5.25 2.92
N ASN A 233 -18.69 -6.17 2.70
CA ASN A 233 -19.39 -6.84 3.79
C ASN A 233 -20.24 -7.99 3.24
N GLY A 234 -21.11 -8.55 4.07
CA GLY A 234 -21.97 -9.64 3.65
C GLY A 234 -21.30 -11.00 3.80
N ASP A 235 -21.96 -12.03 3.30
CA ASP A 235 -21.48 -13.40 3.48
C ASP A 235 -20.19 -13.67 2.73
N GLN A 236 -19.99 -12.98 1.61
CA GLN A 236 -18.77 -13.15 0.82
C GLN A 236 -17.58 -12.63 1.62
N TRP A 237 -17.80 -11.50 2.29
CA TRP A 237 -16.78 -10.91 3.15
C TRP A 237 -16.36 -11.88 4.25
N HIS A 238 -17.35 -12.48 4.91
CA HIS A 238 -17.10 -13.38 6.02
C HIS A 238 -16.44 -14.68 5.56
N GLU A 239 -16.85 -15.16 4.38
CA GLU A 239 -16.27 -16.38 3.83
C GLU A 239 -14.78 -16.22 3.58
N ILE A 240 -14.37 -15.02 3.19
CA ILE A 240 -12.96 -14.73 2.98
C ILE A 240 -12.20 -14.78 4.30
N ARG A 241 -12.78 -14.20 5.35
CA ARG A 241 -12.12 -14.14 6.64
C ARG A 241 -12.12 -15.51 7.31
N GLN A 242 -12.98 -16.40 6.84
CA GLN A 242 -12.95 -17.79 7.28
C GLN A 242 -11.79 -18.53 6.63
N GLY A 243 -11.09 -17.85 5.73
CA GLY A 243 -9.88 -18.37 5.12
C GLY A 243 -10.08 -18.86 3.70
N ARG A 244 -11.21 -18.53 3.10
CA ARG A 244 -11.50 -18.95 1.73
C ARG A 244 -11.03 -17.90 0.73
N LEU A 245 -10.17 -18.32 -0.19
CA LEU A 245 -9.61 -17.42 -1.20
C LEU A 245 -10.68 -17.03 -2.21
N PRO A 246 -10.71 -15.74 -2.61
CA PRO A 246 -11.58 -15.38 -3.74
C PRO A 246 -11.22 -16.17 -4.99
N ARG A 247 -12.19 -16.37 -5.89
CA ARG A 247 -11.93 -17.17 -7.08
C ARG A 247 -11.00 -16.41 -8.03
N ILE A 248 -9.95 -17.09 -8.48
CA ILE A 248 -8.98 -16.51 -9.41
C ILE A 248 -9.21 -17.11 -10.80
N PRO A 249 -9.61 -16.28 -11.78
CA PRO A 249 -9.96 -16.81 -13.12
C PRO A 249 -8.81 -17.39 -13.94
N GLN A 250 -7.59 -17.40 -13.42
CA GLN A 250 -6.46 -18.03 -14.13
C GLN A 250 -5.87 -19.17 -13.31
N VAL A 251 -5.16 -20.06 -14.00
CA VAL A 251 -4.59 -21.24 -13.37
C VAL A 251 -3.25 -20.88 -12.73
N LEU A 252 -3.18 -21.01 -11.41
CA LEU A 252 -1.95 -20.78 -10.66
C LEU A 252 -1.47 -22.10 -10.07
N SER A 253 -0.16 -22.20 -9.82
CA SER A 253 0.41 -23.39 -9.20
C SER A 253 -0.23 -23.60 -7.84
N GLN A 254 -0.48 -24.86 -7.48
CA GLN A 254 -1.11 -25.18 -6.20
C GLN A 254 -0.26 -24.62 -5.06
N GLU A 255 1.06 -24.71 -5.22
CA GLU A 255 2.00 -24.18 -4.24
C GLU A 255 1.78 -22.68 -4.01
N PHE A 256 1.67 -21.92 -5.08
CA PHE A 256 1.45 -20.49 -4.99
C PHE A 256 0.08 -20.20 -4.38
N THR A 257 -0.92 -20.96 -4.82
CA THR A 257 -2.28 -20.82 -4.32
C THR A 257 -2.35 -21.03 -2.81
N GLU A 258 -1.65 -22.02 -2.32
CA GLU A 258 -1.64 -22.33 -0.92
C GLU A 258 -0.96 -21.26 -0.11
N LEU A 259 0.01 -20.61 -0.70
CA LEU A 259 0.71 -19.53 -0.03
C LEU A 259 -0.26 -18.38 0.21
N LEU A 260 -0.98 -17.99 -0.83
CA LEU A 260 -2.00 -16.96 -0.71
C LEU A 260 -3.07 -17.40 0.27
N LYS A 261 -3.36 -18.70 0.29
CA LYS A 261 -4.36 -19.26 1.19
C LYS A 261 -3.96 -19.07 2.64
N VAL A 262 -2.73 -19.44 2.98
CA VAL A 262 -2.28 -19.37 4.37
C VAL A 262 -2.12 -17.92 4.82
N MET A 263 -1.90 -17.03 3.85
CA MET A 263 -1.71 -15.62 4.15
C MET A 263 -3.00 -14.95 4.62
N ILE A 264 -4.15 -15.57 4.32
CA ILE A 264 -5.42 -15.08 4.83
C ILE A 264 -6.02 -16.05 5.86
N HIS A 265 -5.17 -16.84 6.51
CA HIS A 265 -5.65 -17.80 7.50
C HIS A 265 -6.34 -17.03 8.64
N PRO A 266 -7.47 -17.57 9.15
CA PRO A 266 -8.20 -16.88 10.23
C PRO A 266 -7.36 -16.62 11.46
N ASP A 267 -6.44 -17.54 11.75
CA ASP A 267 -5.47 -17.39 12.82
C ASP A 267 -4.28 -16.59 12.31
N PRO A 268 -4.16 -15.30 12.71
CA PRO A 268 -3.05 -14.51 12.19
C PRO A 268 -1.67 -15.09 12.49
N GLU A 269 -1.56 -15.86 13.56
CA GLU A 269 -0.30 -16.48 13.93
C GLU A 269 0.12 -17.55 12.92
N ARG A 270 -0.83 -18.04 12.14
CA ARG A 270 -0.55 -19.05 11.13
C ARG A 270 -0.10 -18.42 9.82
N ARG A 271 -0.39 -17.13 9.65
CA ARG A 271 0.07 -16.41 8.47
C ARG A 271 1.59 -16.24 8.53
N PRO A 272 2.24 -16.25 7.35
CA PRO A 272 3.69 -16.04 7.34
C PRO A 272 4.06 -14.61 7.68
N SER A 273 5.16 -14.43 8.42
CA SER A 273 5.70 -13.09 8.64
C SER A 273 6.24 -12.60 7.31
N ALA A 274 6.55 -11.30 7.24
CA ALA A 274 7.13 -10.73 6.03
C ALA A 274 8.45 -11.41 5.72
N MET A 275 9.21 -11.73 6.77
CA MET A 275 10.48 -12.42 6.63
C MET A 275 10.32 -13.79 5.98
N ALA A 276 9.38 -14.58 6.52
CA ALA A 276 9.08 -15.91 6.00
C ALA A 276 8.60 -15.79 4.56
N LEU A 277 7.82 -14.74 4.31
CA LEU A 277 7.28 -14.49 2.99
C LEU A 277 8.41 -14.26 1.98
N VAL A 278 9.35 -13.37 2.30
CA VAL A 278 10.42 -13.05 1.37
C VAL A 278 11.44 -14.18 1.27
N LYS A 279 11.44 -15.06 2.27
CA LYS A 279 12.34 -16.22 2.28
C LYS A 279 11.69 -17.46 1.69
N HIS A 280 10.47 -17.32 1.18
CA HIS A 280 9.68 -18.49 0.79
C HIS A 280 10.17 -19.11 -0.50
N SER A 281 10.31 -20.43 -0.47
CA SER A 281 10.82 -21.20 -1.61
C SER A 281 10.04 -20.96 -2.90
N VAL A 282 8.72 -20.84 -2.82
CA VAL A 282 7.92 -20.62 -4.02
C VAL A 282 8.19 -19.22 -4.60
N LEU A 283 8.82 -18.36 -3.81
CA LEU A 283 9.15 -17.00 -4.28
C LEU A 283 10.64 -16.81 -4.59
N LEU A 284 11.38 -17.90 -4.72
CA LEU A 284 12.79 -17.77 -5.06
C LEU A 284 12.90 -17.11 -6.43
N SER A 285 13.68 -16.03 -6.47
CA SER A 285 13.77 -15.09 -7.59
C SER A 285 12.72 -14.00 -7.40
#